data_6WRT
#
_entry.id   6WRT
#
_cell.length_a   101.780
_cell.length_b   101.780
_cell.length_c   71.560
_cell.angle_alpha   90.000
_cell.angle_beta   90.000
_cell.angle_gamma   90.000
#
_symmetry.space_group_name_H-M   'P 43 21 2'
#
loop_
_entity.id
_entity.type
_entity.pdbx_description
1 polymer 'Tyrosine--tRNA ligase'
2 non-polymer 'SODIUM ION'
3 non-polymer META-NITRO-TYROSINE
4 water water
#
_entity_poly.entity_id   1
_entity_poly.type   'polypeptide(L)'
_entity_poly.pdbx_seq_one_letter_code
;MDEFEMIKRNTSEIISEEELREVLKKDEKSAHIGFEPSGKIHLGHYLQIKKMIDLQNAGFDIIILLADLAAYLNQKGELD
EIRKIGDYNKKVFEAMGLKAKYVYGSEFQLDKDYTLNVYRLALKTTLKRARRSMELIAREDENPKVAEVIYPIMQVNCAH
YRGVDVAVGGMEQRKIHMLARELLPKKVVCIHNPVLTGLDGEGKMSSSKGNFIAVDDSPEEIRAKIKKAYCPAGVVEGNP
IMEIAKYFLEYPLTIKRPEKFGGDLTVNSYEELESLFKNKELHPMDLKNAVAEELIKILEPIRKRLLEHHHHHH
;
_entity_poly.pdbx_strand_id   A
#
loop_
_chem_comp.id
_chem_comp.type
_chem_comp.name
_chem_comp.formula
NA non-polymer 'SODIUM ION' 'Na 1'
#
# COMPACT_ATOMS: atom_id res chain seq x y z
N MET A 1 -14.67 18.45 -5.88
N MET A 1 -14.81 18.14 -6.08
CA MET A 1 -13.43 17.68 -5.53
CA MET A 1 -13.50 17.56 -5.64
C MET A 1 -12.56 17.54 -6.76
C MET A 1 -12.54 17.52 -6.82
N ASP A 2 -11.48 18.29 -6.76
CA ASP A 2 -10.55 18.37 -7.89
C ASP A 2 -9.51 17.26 -7.83
N GLU A 3 -8.57 17.31 -8.78
CA GLU A 3 -7.58 16.25 -8.90
C GLU A 3 -6.71 16.16 -7.67
N PHE A 4 -6.27 17.31 -7.14
CA PHE A 4 -5.47 17.32 -5.93
C PHE A 4 -6.22 16.63 -4.79
N GLU A 5 -7.49 16.98 -4.58
CA GLU A 5 -8.18 16.39 -3.43
C GLU A 5 -8.46 14.91 -3.65
N MET A 6 -8.73 14.50 -4.89
CA MET A 6 -8.90 13.09 -5.17
C MET A 6 -7.64 12.33 -4.83
N ILE A 7 -6.50 12.87 -5.24
CA ILE A 7 -5.22 12.22 -4.93
C ILE A 7 -4.99 12.20 -3.42
N LYS A 8 -5.32 13.30 -2.72
CA LYS A 8 -5.06 13.38 -1.30
C LYS A 8 -5.95 12.44 -0.49
N ARG A 9 -7.14 12.12 -0.98
CA ARG A 9 -8.11 11.43 -0.16
C ARG A 9 -7.53 10.11 0.36
N ASN A 10 -7.61 9.92 1.68
CA ASN A 10 -7.24 8.70 2.37
C ASN A 10 -5.75 8.46 2.34
N THR A 11 -4.98 9.51 2.09
CA THR A 11 -3.55 9.42 2.29
C THR A 11 -3.21 9.87 3.70
N SER A 12 -2.02 9.42 4.17
CA SER A 12 -1.51 9.87 5.46
C SER A 12 -0.72 11.16 5.34
N GLU A 13 0.02 11.32 4.24
CA GLU A 13 0.81 12.54 4.06
C GLU A 13 1.23 12.63 2.62
N ILE A 14 1.45 13.86 2.17
CA ILE A 14 1.99 14.18 0.86
C ILE A 14 3.18 15.11 1.12
N ILE A 15 4.35 14.72 0.65
N ILE A 15 4.35 14.74 0.62
CA ILE A 15 5.56 15.51 0.84
CA ILE A 15 5.56 15.51 0.84
C ILE A 15 5.98 15.99 -0.55
C ILE A 15 6.01 16.01 -0.53
N SER A 16 5.70 17.27 -0.89
CA SER A 16 4.83 18.17 -0.15
C SER A 16 3.63 18.52 -1.04
N GLU A 17 2.55 19.06 -0.45
CA GLU A 17 1.39 19.42 -1.25
C GLU A 17 1.73 20.47 -2.29
N GLU A 18 2.56 21.47 -1.93
CA GLU A 18 2.90 22.50 -2.91
C GLU A 18 3.63 21.90 -4.12
N GLU A 19 4.53 20.95 -3.87
CA GLU A 19 5.21 20.29 -4.98
C GLU A 19 4.26 19.46 -5.82
N LEU A 20 3.30 18.77 -5.18
CA LEU A 20 2.32 18.02 -5.95
C LEU A 20 1.51 18.96 -6.83
N ARG A 21 1.11 20.06 -6.22
CA ARG A 21 0.24 21.09 -7.05
CA ARG A 21 0.30 21.04 -7.09
C ARG A 21 1.10 21.59 -8.43
N GLU A 22 2.40 21.72 -8.26
CA GLU A 22 3.29 22.06 -9.38
C GLU A 22 3.32 20.86 -10.39
N VAL A 23 3.45 19.63 -9.91
CA VAL A 23 3.44 18.50 -10.83
C VAL A 23 2.11 18.42 -11.58
N LEU A 24 1.00 18.70 -10.90
CA LEU A 24 -0.30 18.47 -11.49
C LEU A 24 -0.54 19.34 -12.72
N LYS A 25 0.21 20.43 -12.86
CA LYS A 25 0.03 21.29 -14.02
C LYS A 25 0.66 20.72 -15.28
N LYS A 26 1.69 19.90 -15.15
CA LYS A 26 2.33 19.32 -16.33
C LYS A 26 1.38 18.42 -17.11
N ASP A 27 1.60 18.34 -18.41
CA ASP A 27 0.88 17.39 -19.24
C ASP A 27 1.37 15.97 -18.99
N GLU A 28 2.68 15.79 -19.01
CA GLU A 28 3.31 14.48 -18.90
C GLU A 28 3.85 14.36 -17.49
N LYS A 29 3.35 13.37 -16.76
CA LYS A 29 3.80 13.21 -15.37
C LYS A 29 3.68 11.73 -15.03
N SER A 30 4.64 11.26 -14.25
CA SER A 30 4.74 9.83 -13.98
C SER A 30 4.70 9.60 -12.47
N ALA A 31 4.07 8.50 -12.07
CA ALA A 31 4.04 8.08 -10.68
C ALA A 31 4.45 6.61 -10.65
N HIS A 32 5.24 6.25 -9.67
CA HIS A 32 5.58 4.85 -9.51
C HIS A 32 5.49 4.35 -8.09
N ILE A 33 5.31 3.06 -7.95
CA ILE A 33 5.36 2.41 -6.65
C ILE A 33 6.08 1.09 -6.87
N GLY A 34 6.86 0.69 -5.88
CA GLY A 34 7.56 -0.59 -5.90
C GLY A 34 6.99 -1.52 -4.86
N PHE A 35 6.91 -2.79 -5.22
CA PHE A 35 6.50 -3.82 -4.29
C PHE A 35 7.50 -4.97 -4.33
N GLU A 36 8.04 -5.36 -3.17
CA GLU A 36 8.65 -6.68 -3.07
C GLU A 36 7.60 -7.72 -3.43
N PRO A 37 7.87 -8.61 -4.37
CA PRO A 37 6.82 -9.60 -4.70
C PRO A 37 6.37 -10.38 -3.48
N SER A 38 5.06 -10.64 -3.42
CA SER A 38 4.43 -11.23 -2.26
C SER A 38 3.58 -12.44 -2.66
N GLY A 39 3.70 -13.52 -1.89
CA GLY A 39 2.94 -14.72 -2.20
C GLY A 39 1.43 -14.50 -2.20
N LYS A 40 0.95 -13.57 -1.36
CA LYS A 40 -0.46 -13.22 -1.30
C LYS A 40 -0.55 -11.70 -1.46
N ILE A 41 -1.55 -11.26 -2.21
CA ILE A 41 -1.82 -9.84 -2.41
C ILE A 41 -3.01 -9.51 -1.53
N HIS A 42 -2.82 -8.59 -0.59
CA HIS A 42 -3.79 -8.31 0.46
C HIS A 42 -4.31 -6.87 0.38
N LEU A 43 -5.17 -6.52 1.35
CA LEU A 43 -5.84 -5.24 1.31
C LEU A 43 -4.87 -4.09 1.39
N GLY A 44 -3.72 -4.30 2.03
CA GLY A 44 -2.70 -3.24 2.07
C GLY A 44 -2.20 -2.93 0.68
N HIS A 45 -1.95 -3.98 -0.11
CA HIS A 45 -1.60 -3.79 -1.51
C HIS A 45 -2.72 -3.06 -2.23
N TYR A 46 -3.98 -3.49 -2.01
CA TYR A 46 -5.10 -2.95 -2.76
C TYR A 46 -5.29 -1.47 -2.46
N LEU A 47 -5.12 -1.08 -1.20
CA LEU A 47 -5.19 0.35 -0.87
C LEU A 47 -4.21 1.16 -1.72
N GLN A 48 -3.07 0.59 -1.95
CA GLN A 48 -2.08 1.34 -2.70
C GLN A 48 -2.39 1.35 -4.20
N ILE A 49 -2.84 0.23 -4.71
CA ILE A 49 -3.20 0.21 -6.13
C ILE A 49 -4.36 1.17 -6.37
N LYS A 50 -5.34 1.21 -5.44
CA LYS A 50 -6.41 2.21 -5.53
C LYS A 50 -5.88 3.62 -5.66
N LYS A 51 -4.81 3.94 -4.92
CA LYS A 51 -4.21 5.26 -5.00
C LYS A 51 -3.50 5.45 -6.34
N MET A 52 -2.91 4.39 -6.89
CA MET A 52 -2.32 4.50 -8.22
C MET A 52 -3.39 4.73 -9.29
N ILE A 53 -4.55 4.10 -9.14
CA ILE A 53 -5.69 4.34 -10.04
C ILE A 53 -6.16 5.79 -9.94
N ASP A 54 -6.22 6.32 -8.75
CA ASP A 54 -6.60 7.74 -8.58
C ASP A 54 -5.56 8.60 -9.42
N LEU A 55 -4.26 8.40 -9.18
CA LEU A 55 -3.23 9.16 -9.94
C LEU A 55 -3.47 8.94 -11.46
N GLN A 56 -3.66 7.70 -11.89
CA GLN A 56 -3.93 7.44 -13.32
C GLN A 56 -5.14 8.31 -13.83
N ASN A 57 -6.22 8.33 -13.08
CA ASN A 57 -7.38 9.15 -13.44
C ASN A 57 -7.04 10.63 -13.44
N ALA A 58 -6.01 11.05 -12.71
CA ALA A 58 -5.54 12.43 -12.72
C ALA A 58 -4.49 12.71 -13.80
N GLY A 59 -4.34 11.81 -14.77
CA GLY A 59 -3.48 12.03 -15.90
C GLY A 59 -2.05 11.56 -15.75
N PHE A 60 -1.74 10.77 -14.73
CA PHE A 60 -0.37 10.27 -14.50
C PHE A 60 -0.16 9.00 -15.28
N ASP A 61 1.03 8.84 -15.86
CA ASP A 61 1.48 7.55 -16.34
C ASP A 61 1.95 6.73 -15.14
N ILE A 62 1.45 5.52 -15.01
CA ILE A 62 1.71 4.68 -13.84
C ILE A 62 2.74 3.61 -14.18
N ILE A 63 3.73 3.45 -13.30
CA ILE A 63 4.69 2.38 -13.40
C ILE A 63 4.65 1.58 -12.12
N ILE A 64 4.56 0.27 -12.23
CA ILE A 64 4.58 -0.62 -11.08
C ILE A 64 5.91 -1.33 -11.14
N LEU A 65 6.75 -1.05 -10.14
N LEU A 65 6.73 -1.12 -10.11
CA LEU A 65 8.04 -1.74 -10.01
CA LEU A 65 8.06 -1.73 -10.01
C LEU A 65 7.83 -3.06 -9.26
C LEU A 65 7.95 -3.04 -9.23
N LEU A 66 8.12 -4.16 -9.94
CA LEU A 66 8.20 -5.48 -9.31
C LEU A 66 9.63 -5.56 -8.77
N ALA A 67 9.77 -5.38 -7.45
CA ALA A 67 11.09 -5.07 -6.87
C ALA A 67 11.80 -6.36 -6.49
N ASP A 68 12.24 -7.06 -7.54
CA ASP A 68 12.82 -8.39 -7.34
C ASP A 68 14.18 -8.28 -6.65
N LEU A 69 14.96 -7.35 -7.07
CA LEU A 69 16.31 -7.22 -6.49
C LEU A 69 16.19 -6.73 -5.00
N ALA A 70 15.35 -5.73 -4.75
CA ALA A 70 15.10 -5.32 -3.34
C ALA A 70 14.64 -6.58 -2.51
N ALA A 71 13.68 -7.35 -3.03
CA ALA A 71 13.22 -8.54 -2.27
C ALA A 71 14.43 -9.50 -2.00
N TYR A 72 15.27 -9.66 -3.01
CA TYR A 72 16.47 -10.49 -2.85
C TYR A 72 17.35 -9.97 -1.71
N LEU A 73 17.62 -8.66 -1.72
CA LEU A 73 18.42 -8.07 -0.65
C LEU A 73 17.74 -8.19 0.71
N ASN A 74 16.39 -8.29 0.74
CA ASN A 74 15.67 -8.42 1.99
C ASN A 74 15.29 -9.87 2.28
N GLN A 75 16.10 -10.78 1.81
CA GLN A 75 16.03 -12.19 2.17
C GLN A 75 14.76 -12.94 1.85
N LYS A 76 14.18 -12.64 0.72
CA LYS A 76 12.94 -13.31 0.32
C LYS A 76 13.16 -14.51 -0.60
N GLY A 77 14.39 -14.88 -0.90
CA GLY A 77 14.71 -16.09 -1.62
C GLY A 77 15.58 -15.81 -2.83
N GLU A 78 15.50 -16.69 -3.80
CA GLU A 78 16.30 -16.58 -5.01
C GLU A 78 15.57 -15.72 -6.04
N LEU A 79 16.37 -15.05 -6.87
CA LEU A 79 15.80 -14.10 -7.83
C LEU A 79 14.82 -14.76 -8.76
N ASP A 80 15.16 -15.96 -9.18
CA ASP A 80 14.36 -16.73 -10.14
C ASP A 80 12.92 -16.87 -9.60
N GLU A 81 12.87 -17.33 -8.38
CA GLU A 81 11.57 -17.59 -7.71
C GLU A 81 10.85 -16.23 -7.45
N ILE A 82 11.59 -15.28 -6.89
CA ILE A 82 11.00 -13.97 -6.64
C ILE A 82 10.37 -13.40 -7.91
N ARG A 83 11.05 -13.53 -9.04
CA ARG A 83 10.54 -12.99 -10.29
C ARG A 83 9.23 -13.69 -10.69
N LYS A 84 9.14 -15.00 -10.44
CA LYS A 84 7.91 -15.73 -10.74
C LYS A 84 6.75 -15.19 -9.92
N ILE A 85 6.99 -14.94 -8.63
CA ILE A 85 5.96 -14.35 -7.79
C ILE A 85 5.62 -12.94 -8.27
N GLY A 86 6.62 -12.21 -8.76
CA GLY A 86 6.33 -10.91 -9.35
C GLY A 86 5.35 -10.99 -10.52
N ASP A 87 5.53 -11.94 -11.42
N ASP A 87 5.56 -11.93 -11.43
CA ASP A 87 4.61 -12.07 -12.53
CA ASP A 87 4.63 -12.16 -12.52
C ASP A 87 3.19 -12.39 -12.05
C ASP A 87 3.21 -12.34 -12.00
N TYR A 88 3.06 -13.22 -11.00
CA TYR A 88 1.74 -13.45 -10.42
C TYR A 88 1.16 -12.16 -9.84
N ASN A 89 1.98 -11.38 -9.14
CA ASN A 89 1.47 -10.13 -8.60
C ASN A 89 0.98 -9.22 -9.72
N LYS A 90 1.71 -9.14 -10.85
CA LYS A 90 1.26 -8.38 -12.01
C LYS A 90 -0.16 -8.80 -12.41
N LYS A 91 -0.38 -10.09 -12.46
CA LYS A 91 -1.71 -10.59 -12.87
C LYS A 91 -2.79 -10.12 -11.85
N VAL A 92 -2.48 -10.11 -10.58
CA VAL A 92 -3.43 -9.64 -9.59
C VAL A 92 -3.71 -8.16 -9.76
N PHE A 93 -2.64 -7.36 -9.91
CA PHE A 93 -2.86 -5.94 -10.09
C PHE A 93 -3.70 -5.66 -11.33
N GLU A 94 -3.48 -6.43 -12.41
CA GLU A 94 -4.26 -6.23 -13.62
C GLU A 94 -5.72 -6.56 -13.36
N ALA A 95 -5.96 -7.58 -12.55
CA ALA A 95 -7.31 -7.98 -12.17
C ALA A 95 -8.00 -6.95 -11.30
N MET A 96 -7.27 -6.10 -10.62
CA MET A 96 -7.82 -4.95 -9.91
C MET A 96 -8.20 -3.80 -10.81
N GLY A 97 -7.92 -3.91 -12.11
CA GLY A 97 -8.27 -2.87 -13.05
C GLY A 97 -7.19 -1.87 -13.33
N LEU A 98 -6.02 -2.14 -12.84
CA LEU A 98 -4.97 -1.15 -13.04
C LEU A 98 -4.48 -1.23 -14.49
N LYS A 99 -4.38 -0.17 -15.23
CA LYS A 99 -3.69 -0.36 -16.48
C LYS A 99 -2.38 0.37 -16.30
N ALA A 100 -1.32 -0.36 -16.40
CA ALA A 100 0.03 0.19 -16.12
C ALA A 100 1.15 -0.50 -16.81
N LYS A 101 2.30 0.07 -16.70
CA LYS A 101 3.52 -0.56 -17.18
C LYS A 101 4.18 -1.23 -15.99
N TYR A 102 4.74 -2.41 -16.20
CA TYR A 102 5.36 -3.19 -15.14
C TYR A 102 6.82 -3.39 -15.51
N VAL A 103 7.70 -3.20 -14.53
CA VAL A 103 9.12 -3.36 -14.74
C VAL A 103 9.70 -4.09 -13.54
N TYR A 104 10.61 -5.02 -13.80
CA TYR A 104 11.38 -5.65 -12.74
C TYR A 104 12.60 -4.80 -12.40
N GLY A 105 12.86 -4.61 -11.11
CA GLY A 105 14.02 -3.83 -10.71
C GLY A 105 15.29 -4.27 -11.39
N SER A 106 15.52 -5.56 -11.46
CA SER A 106 16.78 -6.05 -12.00
C SER A 106 16.96 -5.78 -13.49
N GLU A 107 15.94 -5.30 -14.21
CA GLU A 107 16.13 -4.90 -15.59
C GLU A 107 17.06 -3.71 -15.71
N PHE A 108 17.17 -2.90 -14.67
CA PHE A 108 17.99 -1.70 -14.74
C PHE A 108 18.87 -1.48 -13.52
N GLN A 109 18.57 -2.15 -12.43
CA GLN A 109 19.30 -1.87 -11.19
C GLN A 109 20.72 -2.44 -11.08
N LEU A 110 21.10 -3.22 -12.05
CA LEU A 110 22.46 -3.76 -12.13
C LEU A 110 23.29 -3.10 -13.22
N ASP A 111 22.74 -2.11 -13.91
CA ASP A 111 23.49 -1.31 -14.88
C ASP A 111 24.71 -0.72 -14.20
N LYS A 112 25.83 -0.61 -14.95
CA LYS A 112 27.04 0.02 -14.40
C LYS A 112 26.77 1.41 -13.83
N ASP A 113 26.06 2.22 -14.53
CA ASP A 113 25.83 3.59 -14.05
C ASP A 113 24.89 3.58 -12.78
N TYR A 114 23.85 2.77 -12.80
CA TYR A 114 22.98 2.63 -11.62
C TYR A 114 23.93 2.28 -10.39
N THR A 115 24.71 1.20 -10.52
CA THR A 115 25.58 0.75 -9.39
C THR A 115 26.55 1.88 -8.94
N LEU A 116 27.12 2.56 -9.92
CA LEU A 116 28.07 3.60 -9.57
C LEU A 116 27.33 4.68 -8.70
N ASN A 117 26.07 4.96 -9.06
N ASN A 117 26.08 4.92 -9.05
CA ASN A 117 25.25 5.93 -8.31
CA ASN A 117 25.38 5.93 -8.31
C ASN A 117 25.11 5.39 -6.84
C ASN A 117 25.04 5.41 -6.87
N VAL A 118 24.67 4.14 -6.78
CA VAL A 118 24.48 3.51 -5.48
C VAL A 118 25.72 3.70 -4.62
N TYR A 119 26.90 3.44 -5.17
CA TYR A 119 28.11 3.61 -4.35
C TYR A 119 28.34 5.10 -4.00
N ARG A 120 28.01 6.04 -4.90
CA ARG A 120 28.11 7.45 -4.53
C ARG A 120 27.13 7.79 -3.41
N LEU A 121 25.90 7.28 -3.49
CA LEU A 121 24.95 7.51 -2.38
C LEU A 121 25.42 6.86 -1.10
N ALA A 122 26.11 5.72 -1.20
CA ALA A 122 26.63 5.03 -0.02
C ALA A 122 27.63 5.87 0.73
N LEU A 123 28.35 6.74 0.01
CA LEU A 123 29.31 7.63 0.65
C LEU A 123 28.64 8.74 1.44
N LYS A 124 27.38 9.04 1.14
CA LYS A 124 26.64 10.15 1.70
C LYS A 124 25.67 9.69 2.78
N THR A 125 25.48 8.39 2.94
CA THR A 125 24.46 7.86 3.81
C THR A 125 25.13 7.18 5.01
N THR A 126 24.83 7.62 6.21
CA THR A 126 25.39 6.94 7.37
C THR A 126 24.72 5.59 7.59
N LEU A 127 25.50 4.65 8.15
CA LEU A 127 24.96 3.36 8.51
C LEU A 127 23.77 3.52 9.46
N LYS A 128 23.86 4.47 10.39
CA LYS A 128 22.78 4.64 11.35
C LYS A 128 21.49 5.07 10.65
N ARG A 129 21.63 6.00 9.72
CA ARG A 129 20.47 6.50 8.98
C ARG A 129 19.88 5.39 8.12
N ALA A 130 20.73 4.61 7.45
CA ALA A 130 20.23 3.55 6.61
C ALA A 130 19.49 2.51 7.45
N ARG A 131 20.05 2.13 8.60
CA ARG A 131 19.34 1.15 9.43
C ARG A 131 18.03 1.70 9.96
N ARG A 132 18.01 2.96 10.41
CA ARG A 132 16.76 3.56 10.86
C ARG A 132 15.71 3.56 9.75
N SER A 133 16.13 3.80 8.51
CA SER A 133 15.18 3.85 7.41
C SER A 133 14.51 2.50 7.13
N MET A 134 15.12 1.42 7.59
CA MET A 134 14.71 0.07 7.29
C MET A 134 13.94 -0.58 8.42
N GLU A 135 13.70 0.18 9.50
CA GLU A 135 13.14 -0.44 10.71
C GLU A 135 11.81 -1.13 10.45
N LEU A 136 10.99 -0.60 9.56
CA LEU A 136 9.66 -1.15 9.32
C LEU A 136 9.58 -1.97 8.02
N ILE A 137 10.72 -2.24 7.39
CA ILE A 137 10.79 -2.96 6.13
C ILE A 137 11.63 -4.21 6.24
N ALA A 138 12.77 -4.11 6.93
CA ALA A 138 13.75 -5.18 6.95
C ALA A 138 13.15 -6.42 7.58
N ARG A 139 13.42 -7.57 6.97
CA ARG A 139 13.05 -8.84 7.55
C ARG A 139 13.72 -9.01 8.91
N GLU A 140 13.01 -9.64 9.81
CA GLU A 140 13.56 -9.83 11.15
C GLU A 140 14.83 -10.62 11.08
N ASP A 141 15.87 -10.11 11.73
CA ASP A 141 17.16 -10.77 11.66
C ASP A 141 17.94 -10.38 12.90
N GLU A 142 18.27 -11.36 13.73
CA GLU A 142 19.04 -11.09 14.94
C GLU A 142 20.45 -10.63 14.61
N ASN A 143 20.90 -10.87 13.38
CA ASN A 143 22.29 -10.56 12.97
C ASN A 143 22.22 -9.82 11.63
N PRO A 144 21.89 -8.54 11.68
CA PRO A 144 21.57 -7.82 10.44
C PRO A 144 22.72 -7.85 9.45
N LYS A 145 22.37 -8.03 8.18
CA LYS A 145 23.34 -8.20 7.10
C LYS A 145 23.65 -6.89 6.38
N VAL A 146 24.80 -6.85 5.72
CA VAL A 146 25.14 -5.68 4.89
C VAL A 146 24.03 -5.39 3.88
N ALA A 147 23.41 -6.43 3.33
CA ALA A 147 22.30 -6.25 2.39
C ALA A 147 21.25 -5.27 2.90
N GLU A 148 20.97 -5.31 4.21
CA GLU A 148 19.94 -4.44 4.78
C GLU A 148 20.21 -2.98 4.53
N VAL A 149 21.48 -2.57 4.50
CA VAL A 149 21.78 -1.14 4.31
C VAL A 149 22.04 -0.79 2.86
N ILE A 150 22.22 -1.77 1.97
CA ILE A 150 22.26 -1.51 0.54
C ILE A 150 20.86 -1.20 0.05
N TYR A 151 19.89 -1.98 0.48
CA TYR A 151 18.46 -1.84 0.11
C TYR A 151 17.97 -0.40 0.04
N PRO A 152 18.10 0.41 1.10
CA PRO A 152 17.53 1.76 1.01
C PRO A 152 18.20 2.63 0.00
N ILE A 153 19.54 2.55 -0.14
N ILE A 153 19.50 2.40 -0.26
CA ILE A 153 20.16 3.45 -1.10
CA ILE A 153 20.20 3.15 -1.28
C ILE A 153 19.82 2.98 -2.51
C ILE A 153 19.74 2.73 -2.66
N MET A 154 19.48 1.70 -2.65
N MET A 154 19.54 1.43 -2.87
CA MET A 154 19.02 1.17 -3.93
CA MET A 154 18.88 0.97 -4.08
C MET A 154 17.65 1.83 -4.28
C MET A 154 17.60 1.76 -4.34
N GLN A 155 16.75 1.89 -3.31
CA GLN A 155 15.43 2.50 -3.51
C GLN A 155 15.55 4.01 -3.74
N VAL A 156 16.47 4.67 -3.06
CA VAL A 156 16.73 6.09 -3.32
C VAL A 156 17.13 6.29 -4.77
N ASN A 157 18.03 5.48 -5.21
CA ASN A 157 18.52 5.67 -6.58
C ASN A 157 17.40 5.38 -7.64
N CYS A 158 16.46 4.55 -7.26
CA CYS A 158 15.44 4.14 -8.22
C CYS A 158 14.60 5.36 -8.73
N ALA A 159 14.04 6.12 -7.82
CA ALA A 159 13.26 7.32 -8.24
C ALA A 159 14.22 8.26 -9.06
N HIS A 160 15.44 8.45 -8.63
CA HIS A 160 16.40 9.36 -9.34
C HIS A 160 16.61 8.77 -10.80
N TYR A 161 16.94 7.54 -10.87
CA TYR A 161 17.26 6.87 -12.15
C TYR A 161 16.13 6.90 -13.21
N ARG A 162 14.95 6.62 -12.73
CA ARG A 162 13.76 6.44 -13.61
C ARG A 162 13.12 7.79 -13.94
N GLY A 163 13.47 8.82 -13.23
CA GLY A 163 12.94 10.14 -13.51
C GLY A 163 11.48 10.33 -13.15
N VAL A 164 10.99 9.67 -12.10
CA VAL A 164 9.59 9.80 -11.76
C VAL A 164 9.34 11.12 -11.05
N ASP A 165 8.11 11.63 -11.22
CA ASP A 165 7.70 12.85 -10.57
C ASP A 165 7.17 12.58 -9.17
N VAL A 166 6.44 11.46 -9.00
CA VAL A 166 5.78 11.10 -7.77
C VAL A 166 6.15 9.65 -7.41
N ALA A 167 6.55 9.43 -6.16
CA ALA A 167 6.72 8.08 -5.63
C ALA A 167 5.63 7.84 -4.61
N VAL A 168 4.99 6.68 -4.69
CA VAL A 168 3.92 6.30 -3.78
C VAL A 168 4.35 5.09 -2.97
N GLY A 169 3.97 5.07 -1.69
CA GLY A 169 4.14 3.88 -0.88
C GLY A 169 3.46 4.05 0.45
N GLY A 170 3.56 2.99 1.26
CA GLY A 170 3.01 3.07 2.59
C GLY A 170 3.90 3.90 3.49
N MET A 171 3.34 4.28 4.64
CA MET A 171 4.13 5.06 5.58
C MET A 171 5.42 4.38 6.01
N GLU A 172 5.51 3.05 5.86
N GLU A 172 5.50 3.05 5.91
CA GLU A 172 6.73 2.34 6.22
CA GLU A 172 6.74 2.36 6.23
C GLU A 172 7.91 2.74 5.33
C GLU A 172 7.91 2.94 5.43
N GLN A 173 7.64 3.38 4.21
CA GLN A 173 8.66 3.82 3.28
C GLN A 173 9.14 5.25 3.54
N ARG A 174 8.57 5.94 4.54
N ARG A 174 8.53 5.92 4.52
CA ARG A 174 8.73 7.40 4.55
CA ARG A 174 8.69 7.36 4.69
C ARG A 174 10.16 7.82 4.89
C ARG A 174 10.15 7.75 4.84
N LYS A 175 10.87 7.03 5.69
CA LYS A 175 12.25 7.40 6.00
C LYS A 175 13.17 7.21 4.80
N ILE A 176 12.96 6.15 4.01
CA ILE A 176 13.72 6.02 2.76
C ILE A 176 13.43 7.18 1.82
N HIS A 177 12.14 7.60 1.74
CA HIS A 177 11.77 8.69 0.85
C HIS A 177 12.36 10.01 1.32
N MET A 178 12.40 10.25 2.63
N MET A 178 12.33 10.26 2.64
CA MET A 178 12.98 11.51 3.08
CA MET A 178 12.99 11.44 3.18
C MET A 178 14.50 11.52 2.90
C MET A 178 14.46 11.47 2.76
N LEU A 179 15.14 10.35 2.96
CA LEU A 179 16.55 10.26 2.57
C LEU A 179 16.74 10.64 1.11
N ALA A 180 15.86 10.14 0.22
CA ALA A 180 15.93 10.49 -1.19
C ALA A 180 15.75 11.98 -1.43
N ARG A 181 14.83 12.61 -0.71
CA ARG A 181 14.62 14.05 -0.90
C ARG A 181 15.78 14.88 -0.36
N GLU A 182 16.55 14.36 0.59
CA GLU A 182 17.76 15.03 1.03
C GLU A 182 18.93 14.85 0.07
N LEU A 183 19.09 13.67 -0.54
CA LEU A 183 20.31 13.36 -1.28
C LEU A 183 20.24 13.64 -2.76
N LEU A 184 19.05 13.68 -3.33
CA LEU A 184 18.93 13.77 -4.78
C LEU A 184 18.73 15.23 -5.26
N PRO A 185 19.20 15.59 -6.46
CA PRO A 185 19.08 16.95 -6.95
C PRO A 185 17.58 17.28 -7.26
N LYS A 186 16.85 16.38 -7.89
CA LYS A 186 15.43 16.62 -8.13
C LYS A 186 14.66 16.03 -6.96
N LYS A 187 13.81 16.85 -6.34
CA LYS A 187 12.99 16.40 -5.22
C LYS A 187 11.76 15.69 -5.77
N VAL A 188 11.62 14.42 -5.40
N VAL A 188 11.61 14.44 -5.42
CA VAL A 188 10.45 13.64 -5.81
CA VAL A 188 10.44 13.67 -5.85
C VAL A 188 9.31 13.90 -4.82
C VAL A 188 9.32 13.88 -4.84
N VAL A 189 8.10 14.06 -5.36
CA VAL A 189 6.92 14.16 -4.51
C VAL A 189 6.60 12.77 -3.97
N CYS A 190 6.40 12.66 -2.66
CA CYS A 190 6.13 11.39 -2.01
C CYS A 190 4.70 11.37 -1.46
N ILE A 191 3.95 10.33 -1.80
CA ILE A 191 2.58 10.17 -1.32
C ILE A 191 2.57 8.91 -0.48
N HIS A 192 2.23 9.04 0.78
CA HIS A 192 2.25 7.91 1.71
C HIS A 192 0.84 7.55 2.13
N ASN A 193 0.52 6.33 1.97
CA ASN A 193 -0.72 5.71 2.35
C ASN A 193 -0.62 5.16 3.76
N PRO A 194 -1.76 5.09 4.44
CA PRO A 194 -1.75 4.58 5.82
C PRO A 194 -1.39 3.11 5.85
N VAL A 195 -0.85 2.69 7.00
CA VAL A 195 -0.56 1.28 7.26
C VAL A 195 -1.75 0.65 7.95
N LEU A 196 -2.29 -0.39 7.35
CA LEU A 196 -3.46 -1.07 7.91
C LEU A 196 -3.06 -1.92 9.10
N THR A 197 -3.95 -2.00 10.07
CA THR A 197 -3.73 -2.82 11.22
C THR A 197 -4.07 -4.27 10.89
N GLY A 198 -3.31 -5.20 11.46
CA GLY A 198 -3.60 -6.60 11.30
C GLY A 198 -4.93 -6.97 11.94
N LEU A 199 -5.49 -8.08 11.46
CA LEU A 199 -6.82 -8.47 11.90
C LEU A 199 -6.88 -8.72 13.40
N ASP A 200 -5.79 -9.16 14.01
CA ASP A 200 -5.79 -9.42 15.43
C ASP A 200 -5.46 -8.19 16.24
N GLY A 201 -5.21 -7.05 15.58
CA GLY A 201 -5.00 -5.78 16.23
C GLY A 201 -3.65 -5.59 16.87
N GLU A 202 -2.84 -6.61 16.81
CA GLU A 202 -1.59 -6.55 17.55
C GLU A 202 -0.40 -5.92 16.80
N GLY A 203 -0.37 -5.98 15.48
CA GLY A 203 0.63 -5.29 14.67
C GLY A 203 0.12 -4.77 13.30
N LYS A 204 0.98 -4.48 12.37
CA LYS A 204 0.54 -4.02 11.06
C LYS A 204 0.24 -5.21 10.15
N MET A 205 -0.72 -5.07 9.25
CA MET A 205 -1.07 -6.13 8.30
C MET A 205 0.12 -6.42 7.41
N SER A 206 0.47 -7.70 7.30
CA SER A 206 1.66 -8.12 6.58
C SER A 206 1.48 -9.51 5.97
N SER A 207 2.08 -9.68 4.82
CA SER A 207 2.02 -10.99 4.16
C SER A 207 2.72 -12.08 5.01
N SER A 208 3.63 -11.68 5.88
CA SER A 208 4.44 -12.64 6.65
C SER A 208 3.83 -12.85 8.04
N LYS A 209 2.84 -12.04 8.44
CA LYS A 209 2.30 -12.16 9.78
C LYS A 209 0.97 -12.90 9.83
N GLY A 210 0.45 -13.36 8.70
CA GLY A 210 -0.78 -14.13 8.69
C GLY A 210 -1.98 -13.40 9.25
N ASN A 211 -2.02 -12.07 9.10
CA ASN A 211 -3.03 -11.24 9.77
C ASN A 211 -3.78 -10.39 8.76
N PHE A 212 -3.91 -10.89 7.54
CA PHE A 212 -4.38 -10.13 6.38
C PHE A 212 -5.63 -10.79 5.79
N ILE A 213 -6.39 -9.99 5.03
CA ILE A 213 -7.37 -10.48 4.06
C ILE A 213 -6.76 -10.35 2.66
N ALA A 214 -6.68 -11.47 1.95
CA ALA A 214 -6.17 -11.49 0.59
C ALA A 214 -7.28 -11.13 -0.37
N VAL A 215 -6.93 -10.43 -1.46
CA VAL A 215 -7.98 -10.00 -2.38
C VAL A 215 -8.71 -11.18 -3.03
N ASP A 216 -8.11 -12.37 -3.08
CA ASP A 216 -8.72 -13.54 -3.69
C ASP A 216 -9.20 -14.54 -2.64
N ASP A 217 -9.33 -14.09 -1.38
CA ASP A 217 -9.87 -14.95 -0.33
C ASP A 217 -11.32 -15.30 -0.67
N SER A 218 -11.74 -16.50 -0.35
CA SER A 218 -13.12 -16.90 -0.57
C SER A 218 -14.03 -16.12 0.34
N PRO A 219 -15.31 -15.99 -0.06
CA PRO A 219 -16.27 -15.34 0.83
C PRO A 219 -16.32 -15.97 2.22
N GLU A 220 -16.28 -17.29 2.28
CA GLU A 220 -16.34 -17.90 3.60
C GLU A 220 -15.09 -17.52 4.44
N GLU A 221 -13.95 -17.49 3.77
N GLU A 221 -13.94 -17.48 3.78
CA GLU A 221 -12.69 -17.13 4.43
CA GLU A 221 -12.75 -17.13 4.54
C GLU A 221 -12.74 -15.69 4.94
C GLU A 221 -12.77 -15.67 4.98
N ILE A 222 -13.26 -14.78 4.13
CA ILE A 222 -13.40 -13.38 4.55
C ILE A 222 -14.33 -13.27 5.76
N ARG A 223 -15.48 -14.00 5.74
CA ARG A 223 -16.39 -13.94 6.88
C ARG A 223 -15.71 -14.45 8.14
N ALA A 224 -14.96 -15.56 8.04
CA ALA A 224 -14.32 -16.11 9.22
C ALA A 224 -13.23 -15.20 9.76
N LYS A 225 -12.45 -14.60 8.85
CA LYS A 225 -11.37 -13.73 9.30
C LYS A 225 -11.92 -12.51 10.03
N ILE A 226 -13.00 -11.92 9.51
CA ILE A 226 -13.58 -10.74 10.13
C ILE A 226 -14.29 -11.11 11.43
N LYS A 227 -14.97 -12.25 11.46
CA LYS A 227 -15.64 -12.69 12.69
C LYS A 227 -14.66 -12.73 13.87
N LYS A 228 -13.43 -13.22 13.63
CA LYS A 228 -12.41 -13.40 14.67
C LYS A 228 -11.61 -12.12 14.95
N ALA A 229 -11.80 -11.07 14.16
CA ALA A 229 -10.92 -9.92 14.23
C ALA A 229 -11.13 -9.09 15.49
N TYR A 230 -10.06 -8.46 15.94
CA TYR A 230 -10.12 -7.41 16.95
C TYR A 230 -11.08 -6.31 16.52
N CYS A 231 -12.03 -5.98 17.40
CA CYS A 231 -13.00 -4.95 17.08
C CYS A 231 -13.73 -4.52 18.33
N PRO A 232 -13.07 -3.77 19.21
CA PRO A 232 -13.69 -3.45 20.50
C PRO A 232 -14.77 -2.39 20.33
N ALA A 233 -15.85 -2.55 21.10
CA ALA A 233 -16.95 -1.60 21.02
C ALA A 233 -16.46 -0.20 21.36
N GLY A 234 -16.85 0.78 20.53
CA GLY A 234 -16.49 2.15 20.76
C GLY A 234 -15.06 2.51 20.43
N VAL A 235 -14.21 1.53 20.13
CA VAL A 235 -12.79 1.77 19.87
C VAL A 235 -12.58 1.84 18.37
N VAL A 236 -12.11 2.98 17.89
CA VAL A 236 -11.76 3.14 16.49
C VAL A 236 -10.27 3.03 16.25
N GLU A 237 -9.49 3.49 17.18
CA GLU A 237 -8.03 3.51 17.00
C GLU A 237 -7.49 2.09 16.93
N GLY A 238 -6.82 1.73 15.86
CA GLY A 238 -6.26 0.40 15.81
C GLY A 238 -7.28 -0.69 15.58
N ASN A 239 -8.45 -0.32 15.10
CA ASN A 239 -9.54 -1.26 14.88
C ASN A 239 -9.55 -1.63 13.40
N PRO A 240 -9.11 -2.85 13.03
CA PRO A 240 -8.99 -3.18 11.61
C PRO A 240 -10.29 -3.16 10.87
N ILE A 241 -11.40 -3.46 11.56
CA ILE A 241 -12.70 -3.50 10.90
C ILE A 241 -13.16 -2.09 10.53
N MET A 242 -12.92 -1.12 11.41
CA MET A 242 -13.24 0.26 11.06
C MET A 242 -12.31 0.80 9.97
N GLU A 243 -11.04 0.37 9.95
CA GLU A 243 -10.17 0.79 8.85
C GLU A 243 -10.70 0.30 7.52
N ILE A 244 -11.16 -0.96 7.46
CA ILE A 244 -11.69 -1.47 6.22
C ILE A 244 -12.90 -0.65 5.80
N ALA A 245 -13.78 -0.31 6.75
CA ALA A 245 -14.94 0.50 6.39
C ALA A 245 -14.51 1.86 5.85
N LYS A 246 -13.45 2.44 6.42
CA LYS A 246 -13.00 3.76 5.99
C LYS A 246 -12.39 3.73 4.59
N TYR A 247 -11.53 2.75 4.31
CA TYR A 247 -10.71 2.79 3.10
C TYR A 247 -11.26 2.02 1.92
N PHE A 248 -12.24 1.12 2.11
CA PHE A 248 -12.68 0.28 1.02
C PHE A 248 -14.16 0.39 0.71
N LEU A 249 -14.99 0.78 1.65
CA LEU A 249 -16.42 0.69 1.46
C LEU A 249 -16.95 1.95 0.80
N GLU A 250 -18.03 1.75 0.01
CA GLU A 250 -18.74 2.83 -0.66
C GLU A 250 -19.87 3.31 0.26
N TYR A 251 -20.08 4.63 0.28
CA TYR A 251 -21.13 5.29 1.05
C TYR A 251 -22.04 6.07 0.11
N PRO A 252 -23.32 6.27 0.48
CA PRO A 252 -23.99 5.82 1.71
C PRO A 252 -24.03 4.31 1.82
N LEU A 253 -23.95 3.83 3.06
CA LEU A 253 -23.85 2.42 3.36
C LEU A 253 -25.05 2.01 4.19
N THR A 254 -25.71 0.93 3.77
CA THR A 254 -26.83 0.38 4.54
C THR A 254 -26.34 -0.83 5.33
N ILE A 255 -26.37 -0.71 6.65
CA ILE A 255 -26.00 -1.79 7.56
C ILE A 255 -27.26 -2.56 7.93
N LYS A 256 -27.37 -3.80 7.46
CA LYS A 256 -28.55 -4.62 7.80
C LYS A 256 -28.42 -5.11 9.23
N ARG A 257 -29.50 -4.96 9.99
CA ARG A 257 -29.58 -5.49 11.34
C ARG A 257 -30.96 -6.09 11.54
N PRO A 258 -31.08 -7.14 12.35
CA PRO A 258 -32.41 -7.59 12.79
C PRO A 258 -33.20 -6.44 13.41
N GLU A 259 -34.53 -6.50 13.28
CA GLU A 259 -35.38 -5.49 13.89
C GLU A 259 -35.19 -5.45 15.41
N LYS A 260 -34.96 -6.60 16.03
CA LYS A 260 -34.81 -6.61 17.47
C LYS A 260 -33.54 -5.92 17.92
N PHE A 261 -32.64 -5.58 17.00
CA PHE A 261 -31.42 -4.85 17.36
C PHE A 261 -31.37 -3.46 16.75
N GLY A 262 -32.51 -2.94 16.28
CA GLY A 262 -32.57 -1.62 15.69
C GLY A 262 -32.97 -1.60 14.22
N GLY A 263 -33.00 -2.75 13.55
CA GLY A 263 -33.30 -2.80 12.13
C GLY A 263 -32.22 -2.18 11.27
N ASP A 264 -32.38 -2.27 9.94
CA ASP A 264 -31.40 -1.76 8.99
C ASP A 264 -31.08 -0.31 9.29
N LEU A 265 -29.82 0.05 9.11
CA LEU A 265 -29.30 1.37 9.42
C LEU A 265 -28.52 1.89 8.23
N THR A 266 -28.78 3.13 7.83
CA THR A 266 -28.09 3.74 6.70
C THR A 266 -27.21 4.87 7.17
N VAL A 267 -25.93 4.80 6.80
CA VAL A 267 -24.95 5.82 7.15
C VAL A 267 -24.43 6.45 5.85
N ASN A 268 -24.40 7.78 5.82
CA ASN A 268 -24.05 8.46 4.58
C ASN A 268 -22.57 8.68 4.40
N SER A 269 -21.77 8.52 5.46
CA SER A 269 -20.34 8.73 5.36
C SER A 269 -19.63 7.86 6.38
N TYR A 270 -18.32 7.65 6.14
CA TYR A 270 -17.52 6.97 7.15
C TYR A 270 -17.56 7.74 8.47
N GLU A 271 -17.57 9.07 8.42
CA GLU A 271 -17.55 9.84 9.65
C GLU A 271 -18.82 9.59 10.47
N GLU A 272 -19.95 9.41 9.79
CA GLU A 272 -21.19 9.06 10.50
C GLU A 272 -21.03 7.69 11.18
N LEU A 273 -20.56 6.71 10.41
CA LEU A 273 -20.28 5.39 10.98
C LEU A 273 -19.42 5.53 12.23
N GLU A 274 -18.37 6.34 12.14
CA GLU A 274 -17.45 6.51 13.24
C GLU A 274 -18.17 7.05 14.47
N SER A 275 -19.07 8.01 14.28
CA SER A 275 -19.82 8.54 15.42
C SER A 275 -20.74 7.48 16.04
N LEU A 276 -21.52 6.79 15.21
CA LEU A 276 -22.33 5.68 15.68
C LEU A 276 -21.51 4.69 16.49
N PHE A 277 -20.38 4.24 15.94
CA PHE A 277 -19.59 3.22 16.61
C PHE A 277 -18.98 3.73 17.90
N LYS A 278 -18.45 4.96 17.89
CA LYS A 278 -17.90 5.53 19.11
C LYS A 278 -18.96 5.65 20.19
N ASN A 279 -20.18 6.04 19.81
CA ASN A 279 -21.27 6.18 20.77
C ASN A 279 -21.88 4.86 21.18
N LYS A 280 -21.25 3.73 20.81
CA LYS A 280 -21.75 2.40 21.16
C LYS A 280 -23.20 2.22 20.70
N GLU A 281 -23.57 2.94 19.64
CA GLU A 281 -24.86 2.76 18.98
C GLU A 281 -24.83 1.70 17.89
N LEU A 282 -23.65 1.27 17.45
CA LEU A 282 -23.52 0.19 16.48
C LEU A 282 -22.62 -0.87 17.11
N HIS A 283 -23.14 -2.10 17.19
CA HIS A 283 -22.46 -3.20 17.85
C HIS A 283 -21.42 -3.81 16.91
N PRO A 284 -20.27 -4.23 17.45
CA PRO A 284 -19.25 -4.87 16.59
C PRO A 284 -19.76 -5.96 15.69
N MET A 285 -20.70 -6.79 16.14
CA MET A 285 -21.12 -7.89 15.31
C MET A 285 -21.88 -7.41 14.09
N ASP A 286 -22.60 -6.30 14.21
CA ASP A 286 -23.34 -5.81 13.05
C ASP A 286 -22.42 -5.05 12.11
N LEU A 287 -21.45 -4.33 12.67
CA LEU A 287 -20.40 -3.73 11.87
C LEU A 287 -19.66 -4.80 11.08
N LYS A 288 -19.27 -5.86 11.77
CA LYS A 288 -18.55 -6.95 11.11
C LYS A 288 -19.36 -7.57 10.00
N ASN A 289 -20.65 -7.84 10.25
N ASN A 289 -20.61 -7.78 10.27
CA ASN A 289 -21.48 -8.45 9.21
CA ASN A 289 -21.44 -8.39 9.25
C ASN A 289 -21.54 -7.56 7.97
C ASN A 289 -21.48 -7.53 7.96
N ALA A 290 -21.70 -6.25 8.15
CA ALA A 290 -21.78 -5.34 7.01
C ALA A 290 -20.45 -5.26 6.26
N VAL A 291 -19.37 -5.07 7.00
CA VAL A 291 -18.04 -4.97 6.40
C VAL A 291 -17.71 -6.24 5.63
N ALA A 292 -18.01 -7.41 6.21
CA ALA A 292 -17.71 -8.65 5.51
C ALA A 292 -18.48 -8.72 4.21
N GLU A 293 -19.80 -8.47 4.24
CA GLU A 293 -20.56 -8.65 3.02
C GLU A 293 -20.21 -7.60 1.98
N GLU A 294 -19.97 -6.36 2.40
CA GLU A 294 -19.62 -5.34 1.39
C GLU A 294 -18.22 -5.57 0.82
N LEU A 295 -17.29 -6.04 1.66
CA LEU A 295 -15.95 -6.35 1.17
C LEU A 295 -15.98 -7.51 0.18
N ILE A 296 -16.80 -8.55 0.45
CA ILE A 296 -16.92 -9.64 -0.49
C ILE A 296 -17.35 -9.14 -1.86
N LYS A 297 -18.33 -8.23 -1.91
CA LYS A 297 -18.79 -7.71 -3.19
C LYS A 297 -17.71 -6.89 -3.88
N ILE A 298 -16.95 -6.13 -3.10
N ILE A 298 -16.97 -6.12 -3.11
CA ILE A 298 -15.87 -5.31 -3.65
CA ILE A 298 -15.88 -5.32 -3.67
C ILE A 298 -14.81 -6.20 -4.26
C ILE A 298 -14.82 -6.22 -4.28
N LEU A 299 -14.45 -7.29 -3.58
CA LEU A 299 -13.38 -8.15 -4.08
C LEU A 299 -13.85 -9.14 -5.15
N GLU A 300 -15.12 -9.35 -5.21
CA GLU A 300 -15.67 -10.36 -6.14
CA GLU A 300 -15.70 -10.29 -6.08
C GLU A 300 -15.11 -10.30 -7.60
N PRO A 301 -15.15 -9.16 -8.21
CA PRO A 301 -14.63 -9.07 -9.59
C PRO A 301 -13.15 -9.43 -9.70
N ILE A 302 -12.35 -9.13 -8.67
CA ILE A 302 -10.93 -9.49 -8.68
C ILE A 302 -10.77 -11.00 -8.57
N ARG A 303 -11.44 -11.60 -7.57
CA ARG A 303 -11.40 -13.03 -7.40
C ARG A 303 -11.89 -13.75 -8.65
N LYS A 304 -12.96 -13.24 -9.27
CA LYS A 304 -13.50 -13.92 -10.44
C LYS A 304 -12.56 -13.82 -11.64
N ARG A 305 -11.92 -12.66 -11.84
CA ARG A 305 -10.95 -12.56 -12.93
C ARG A 305 -9.80 -13.54 -12.71
N LEU A 306 -9.35 -13.72 -11.47
CA LEU A 306 -8.27 -14.66 -11.21
C LEU A 306 -8.72 -16.11 -11.34
N LEU A 307 -9.97 -16.37 -11.06
CA LEU A 307 -10.50 -17.74 -11.11
C LEU A 307 -10.65 -18.18 -12.60
N GLU A 308 -11.10 -17.30 -13.45
CA GLU A 308 -11.20 -17.76 -14.81
C GLU A 308 -9.84 -18.05 -15.57
N HIS A 309 -8.68 -17.64 -15.06
CA HIS A 309 -7.39 -18.05 -15.71
C HIS A 309 -7.42 -19.62 -15.77
NA NA B . -1.24 20.17 -23.81
N NIY C . 10.51 -0.89 -0.32
CA NIY C . 9.39 -1.46 -1.09
C NIY C . 8.63 -2.51 -0.32
O NIY C . 8.71 -2.48 0.89
CB NIY C . 9.92 -2.01 -2.41
CG NIY C . 10.55 -0.95 -3.32
CD1 NIY C . 11.77 -1.17 -3.91
CD2 NIY C . 9.88 0.20 -3.59
CE1 NIY C . 12.32 -0.24 -4.76
CE2 NIY C . 10.39 1.16 -4.42
CZ NIY C . 11.63 0.94 -5.02
OH NIY C . 12.16 1.86 -5.85
NN NIY C . 13.56 -0.50 -5.35
O1 NIY C . 14.10 -1.53 -5.28
O2 NIY C . 14.11 0.36 -5.89
OXT NIY C . 7.97 -3.35 -0.91
H NIY C . 11.17 -1.64 -0.04
HA NIY C . 8.70 -0.64 -1.34
HB2 NIY C . 9.08 -2.43 -2.97
HB3 NIY C . 10.58 -2.84 -2.17
HD1 NIY C . 12.27 -2.13 -3.68
HD2 NIY C . 8.90 0.39 -3.13
HE2 NIY C . 9.81 2.05 -4.58
N NIY D . 9.25 -4.59 12.10
CA NIY D . 8.67 -5.57 11.13
C NIY D . 9.14 -6.98 11.42
O NIY D . 9.67 -7.65 10.50
CB NIY D . 9.02 -5.16 9.70
CG NIY D . 8.35 -6.11 8.72
CD1 NIY D . 9.08 -7.01 7.94
CD2 NIY D . 6.96 -6.08 8.59
CE1 NIY D . 8.43 -7.87 7.05
CE2 NIY D . 6.31 -6.92 7.71
CZ NIY D . 7.06 -7.82 6.93
OH NIY D . 6.45 -8.68 6.05
NN NIY D . 9.15 -8.78 6.27
O1 NIY D . 9.77 -8.39 5.28
O2 NIY D . 9.16 -9.96 6.55
OXT NIY D . 8.98 -7.43 12.57
H2 NIY D . 9.00 -4.86 13.07
H NIY D . 10.29 -4.59 12.02
HA NIY D . 7.58 -5.54 11.24
HB2 NIY D . 8.65 -4.15 9.52
HB3 NIY D . 10.11 -5.14 9.58
HD1 NIY D . 10.17 -7.03 8.05
HD2 NIY D . 6.38 -5.38 9.18
HE2 NIY D . 5.23 -6.87 7.63
HH NIY D . 5.99 -9.37 6.53
#